data_9K93
#
_entry.id   9K93
#
_cell.length_a   1.00
_cell.length_b   1.00
_cell.length_c   1.00
_cell.angle_alpha   90.00
_cell.angle_beta   90.00
_cell.angle_gamma   90.00
#
_symmetry.space_group_name_H-M   'P 1'
#
loop_
_entity.id
_entity.type
_entity.pdbx_description
1 polymer 'Signal peptide peptidase-like 2A'
2 non-polymer '~{tert}-butyl ~{N}-[(2~{S},3~{R},5~{R})-6-[[(2~{S})-1-[[(2~{S})-1-azanyl-1-oxidanylidene-3-phenyl-propan-2-yl]amino]-4-methyl-1-oxidanylidene-pentan-2-yl]amino]-3-oxidanyl-6-oxidanylidene-1-phenyl-5-(phenylmethyl)hexan-2-yl]carbamate'
#
_entity_poly.entity_id   1
_entity_poly.type   'polypeptide(L)'
_entity_poly.pdbx_seq_one_letter_code
;MGPQRRLSPAGAALLWGFLLQLTAAQEAILHASGNGTTKDYCMLYNPYWTALPSTLENATSISLMNLTSTPLCNLSDIPP
VGIKSKAVVVPWGSCHFLEKARIAQKGGAEAMLVVNNSVLFPPSGNRSEFPDVKILIAFISYKDFRDMNQTLGDNITVKM
YSPSWPNFDYTMVVIFVIAVFTVALGGYWSGLVELENLKAVTTEDREMRKKKEEYLTFSPLTVVIFVVICCVMMVLLYFF
YKWLVYVMIAIFCIASAMSLYNCLAALIHKIPYGQCTIACRGKNMEVRLIFLSGLCIAVAVVWAVFRNEDRWAWILQDIL
GIAFCLNLIKTLKLPNFKSCVILLGLLLLYDVFFVFITPFITKNGESIMVELAAGPFGNNEKLPVVIRVPKLIYFSVMSV
CLMPVSILGFGDIIVPGLLIAYCRRFDVQTGSSYIYYVSSTVAYAIGMILTFVVLVLMKKGQPALLYLVPCTLITASVVA
WRRKEMKKFWKGNSYQMMDHLDCATNEENPVISGEQIVQQ
;
_entity_poly.pdbx_strand_id   A
#
# COMPACT_ATOMS: atom_id res chain seq x y z
N PHE A 168 -13.77 -19.82 5.24
CA PHE A 168 -13.99 -18.60 6.01
C PHE A 168 -13.32 -18.69 7.37
N ASP A 169 -12.67 -17.60 7.77
CA ASP A 169 -11.96 -17.57 9.04
C ASP A 169 -11.96 -16.14 9.58
N TYR A 170 -11.74 -16.02 10.89
CA TYR A 170 -11.73 -14.69 11.50
C TYR A 170 -10.51 -13.89 11.07
N THR A 171 -9.39 -14.55 10.80
CA THR A 171 -8.18 -13.83 10.39
C THR A 171 -8.40 -13.08 9.09
N MET A 172 -9.09 -13.71 8.13
CA MET A 172 -9.33 -13.06 6.85
C MET A 172 -10.13 -11.78 7.00
N VAL A 173 -10.95 -11.68 8.05
CA VAL A 173 -11.66 -10.43 8.30
C VAL A 173 -10.70 -9.33 8.75
N VAL A 174 -9.75 -9.68 9.60
CA VAL A 174 -8.85 -8.67 10.16
C VAL A 174 -7.99 -8.04 9.06
N ILE A 175 -7.46 -8.86 8.15
CA ILE A 175 -6.62 -8.33 7.07
C ILE A 175 -7.43 -7.36 6.21
N PHE A 176 -8.70 -7.69 5.96
CA PHE A 176 -9.54 -6.80 5.16
C PHE A 176 -9.75 -5.46 5.86
N VAL A 177 -9.94 -5.48 7.18
CA VAL A 177 -10.14 -4.23 7.92
C VAL A 177 -8.88 -3.39 7.91
N ILE A 178 -7.71 -4.02 8.10
CA ILE A 178 -6.46 -3.28 8.04
C ILE A 178 -6.23 -2.73 6.64
N ALA A 179 -6.49 -3.55 5.61
CA ALA A 179 -6.24 -3.15 4.24
C ALA A 179 -7.23 -2.10 3.72
N VAL A 180 -8.31 -1.84 4.44
CA VAL A 180 -9.27 -0.81 4.05
C VAL A 180 -9.21 0.40 4.96
N PHE A 181 -9.02 0.20 6.27
CA PHE A 181 -8.91 1.34 7.18
C PHE A 181 -7.72 2.22 6.82
N THR A 182 -6.58 1.61 6.54
CA THR A 182 -5.35 2.35 6.27
C THR A 182 -5.23 2.81 4.82
N VAL A 183 -6.19 2.43 3.96
CA VAL A 183 -6.29 3.00 2.63
C VAL A 183 -7.36 4.08 2.57
N ALA A 184 -8.48 3.89 3.26
CA ALA A 184 -9.47 4.93 3.37
C ALA A 184 -9.00 6.11 4.22
N LEU A 185 -8.02 5.88 5.11
CA LEU A 185 -7.42 6.97 5.86
C LEU A 185 -6.24 7.58 5.13
N GLY A 186 -5.44 6.76 4.45
CA GLY A 186 -4.37 7.31 3.64
C GLY A 186 -4.87 8.18 2.51
N GLY A 187 -5.94 7.75 1.84
CA GLY A 187 -6.54 8.58 0.80
C GLY A 187 -7.17 9.84 1.35
N TYR A 188 -7.93 9.71 2.44
CA TYR A 188 -8.60 10.88 3.01
C TYR A 188 -7.58 11.91 3.49
N TRP A 189 -6.52 11.45 4.15
CA TRP A 189 -5.51 12.38 4.68
C TRP A 189 -4.81 13.13 3.55
N SER A 190 -4.71 12.52 2.36
CA SER A 190 -4.03 13.18 1.26
C SER A 190 -4.75 14.47 0.87
N GLY A 191 -6.09 14.44 0.86
CA GLY A 191 -6.83 15.64 0.55
C GLY A 191 -6.81 16.67 1.65
N LEU A 192 -6.51 16.27 2.89
CA LEU A 192 -6.51 17.21 4.00
C LEU A 192 -5.42 18.27 3.83
N VAL A 193 -4.21 17.84 3.49
CA VAL A 193 -3.15 18.81 3.22
C VAL A 193 -3.43 19.59 1.95
N GLU A 194 -4.14 18.97 1.00
CA GLU A 194 -4.49 19.69 -0.22
C GLU A 194 -5.39 20.88 0.07
N LEU A 195 -6.27 20.76 1.06
CA LEU A 195 -7.15 21.88 1.39
C LEU A 195 -6.35 23.07 1.90
N GLU A 196 -5.35 22.82 2.74
CA GLU A 196 -4.58 23.93 3.30
C GLU A 196 -3.62 24.52 2.28
N ASN A 197 -3.21 23.75 1.28
CA ASN A 197 -2.36 24.30 0.23
C ASN A 197 -3.10 25.35 -0.60
N LEU A 198 -4.37 25.10 -0.90
CA LEU A 198 -5.16 26.06 -1.65
C LEU A 198 -5.42 27.34 -0.88
N LYS A 199 -5.31 27.30 0.45
CA LYS A 199 -5.56 28.48 1.27
C LYS A 199 -4.45 29.50 1.08
N TYR A 215 6.85 16.63 -1.58
CA TYR A 215 6.09 15.93 -2.62
C TYR A 215 6.98 15.59 -3.81
N LEU A 216 6.79 14.38 -4.34
CA LEU A 216 7.52 13.92 -5.51
C LEU A 216 6.49 13.43 -6.52
N THR A 217 5.97 14.36 -7.33
CA THR A 217 4.96 14.02 -8.32
C THR A 217 5.57 13.13 -9.40
N PHE A 218 4.82 12.09 -9.74
CA PHE A 218 5.31 11.15 -10.72
C PHE A 218 5.05 11.55 -12.15
N SER A 219 5.76 10.93 -13.06
CA SER A 219 5.59 11.15 -14.49
C SER A 219 5.47 9.81 -15.19
N PRO A 220 4.83 9.76 -16.35
CA PRO A 220 4.73 8.47 -17.06
C PRO A 220 6.08 7.82 -17.32
N LEU A 221 7.07 8.58 -17.77
CA LEU A 221 8.42 8.05 -17.89
C LEU A 221 8.98 7.70 -16.52
N THR A 222 8.72 8.55 -15.51
CA THR A 222 9.14 8.24 -14.16
C THR A 222 8.44 7.00 -13.63
N VAL A 223 7.16 6.83 -13.98
CA VAL A 223 6.42 5.63 -13.57
C VAL A 223 7.04 4.39 -14.17
N VAL A 224 7.37 4.44 -15.46
CA VAL A 224 7.98 3.27 -16.12
C VAL A 224 9.34 2.98 -15.52
N ILE A 225 10.13 4.03 -15.22
CA ILE A 225 11.43 3.83 -14.59
C ILE A 225 11.26 3.18 -13.23
N PHE A 226 10.27 3.63 -12.44
CA PHE A 226 10.04 3.03 -11.13
C PHE A 226 9.62 1.57 -11.25
N VAL A 227 8.79 1.24 -12.24
CA VAL A 227 8.37 -0.14 -12.44
C VAL A 227 9.57 -1.02 -12.80
N VAL A 228 10.42 -0.53 -13.70
CA VAL A 228 11.60 -1.30 -14.10
C VAL A 228 12.54 -1.50 -12.91
N ILE A 229 12.72 -0.45 -12.10
CA ILE A 229 13.57 -0.57 -10.92
C ILE A 229 12.95 -1.52 -9.91
N CYS A 230 11.62 -1.55 -9.80
CA CYS A 230 10.97 -2.53 -8.94
C CYS A 230 11.24 -3.95 -9.41
N CYS A 231 11.15 -4.18 -10.72
CA CYS A 231 11.42 -5.51 -11.26
C CYS A 231 12.87 -5.93 -10.99
N VAL A 232 13.81 -5.03 -11.23
CA VAL A 232 15.22 -5.35 -11.00
C VAL A 232 15.49 -5.59 -9.53
N MET A 233 14.87 -4.79 -8.65
CA MET A 233 15.04 -4.98 -7.22
C MET A 233 14.48 -6.34 -6.80
N MET A 234 13.34 -6.73 -7.35
CA MET A 234 12.75 -8.02 -6.98
C MET A 234 13.63 -9.18 -7.44
N VAL A 235 14.17 -9.10 -8.67
CA VAL A 235 15.06 -10.15 -9.15
C VAL A 235 16.31 -10.23 -8.30
N LEU A 236 16.88 -9.07 -7.95
CA LEU A 236 18.06 -9.07 -7.09
C LEU A 236 17.74 -9.64 -5.72
N LEU A 237 16.54 -9.37 -5.20
CA LEU A 237 16.14 -9.95 -3.94
C LEU A 237 16.06 -11.47 -4.02
N TYR A 238 15.50 -11.99 -5.11
CA TYR A 238 15.36 -13.44 -5.22
C TYR A 238 16.70 -14.14 -5.44
N PHE A 239 17.60 -13.53 -6.20
CA PHE A 239 18.85 -14.21 -6.54
C PHE A 239 20.01 -13.86 -5.64
N PHE A 240 19.92 -12.78 -4.87
CA PHE A 240 20.99 -12.37 -3.96
C PHE A 240 20.43 -12.24 -2.55
N TYR A 241 19.66 -13.25 -2.11
CA TYR A 241 18.80 -13.09 -0.94
C TYR A 241 19.59 -12.85 0.33
N LYS A 242 20.76 -13.49 0.47
CA LYS A 242 21.38 -13.64 1.79
C LYS A 242 21.69 -12.29 2.43
N TRP A 243 22.22 -11.33 1.67
CA TRP A 243 22.50 -9.99 2.19
C TRP A 243 21.40 -9.00 1.89
N LEU A 244 20.64 -9.22 0.81
CA LEU A 244 19.55 -8.32 0.47
C LEU A 244 18.46 -8.33 1.53
N VAL A 245 18.25 -9.46 2.20
CA VAL A 245 17.25 -9.49 3.26
C VAL A 245 17.64 -8.56 4.40
N TYR A 246 18.91 -8.59 4.81
CA TYR A 246 19.36 -7.71 5.89
C TYR A 246 19.33 -6.24 5.47
N VAL A 247 19.73 -5.96 4.23
CA VAL A 247 19.66 -4.58 3.75
C VAL A 247 18.22 -4.08 3.76
N MET A 248 17.29 -4.90 3.28
CA MET A 248 15.89 -4.51 3.28
C MET A 248 15.35 -4.35 4.69
N ILE A 249 15.77 -5.21 5.62
CA ILE A 249 15.32 -5.05 7.00
C ILE A 249 15.79 -3.71 7.57
N ALA A 250 17.05 -3.36 7.33
CA ALA A 250 17.57 -2.10 7.86
C ALA A 250 16.85 -0.90 7.25
N ILE A 251 16.69 -0.90 5.93
CA ILE A 251 16.02 0.22 5.27
C ILE A 251 14.58 0.33 5.72
N PHE A 252 13.88 -0.80 5.82
CA PHE A 252 12.49 -0.78 6.26
C PHE A 252 12.39 -0.29 7.70
N CYS A 253 13.32 -0.70 8.56
CA CYS A 253 13.28 -0.26 9.94
C CYS A 253 13.44 1.26 10.04
N ILE A 254 14.42 1.83 9.34
CA ILE A 254 14.63 3.27 9.41
C ILE A 254 13.44 4.02 8.79
N ALA A 255 12.98 3.57 7.63
CA ALA A 255 11.87 4.24 6.96
C ALA A 255 10.60 4.16 7.80
N SER A 256 10.35 3.02 8.43
CA SER A 256 9.14 2.88 9.23
C SER A 256 9.23 3.69 10.51
N ALA A 257 10.41 3.78 11.10
CA ALA A 257 10.56 4.66 12.27
C ALA A 257 10.28 6.11 11.90
N MET A 258 10.83 6.58 10.78
CA MET A 258 10.56 7.95 10.35
C MET A 258 9.09 8.17 10.03
N SER A 259 8.47 7.21 9.33
CA SER A 259 7.06 7.35 8.97
C SER A 259 6.17 7.35 10.19
N LEU A 260 6.46 6.47 11.17
CA LEU A 260 5.69 6.45 12.41
C LEU A 260 5.84 7.76 13.16
N TYR A 261 7.06 8.31 13.19
CA TYR A 261 7.25 9.62 13.83
C TYR A 261 6.42 10.69 13.15
N ASN A 262 6.43 10.71 11.81
CA ASN A 262 5.68 11.73 11.08
C ASN A 262 4.18 11.60 11.34
N CYS A 263 3.65 10.37 11.28
CA CYS A 263 2.22 10.16 11.48
C CYS A 263 1.80 10.51 12.91
N LEU A 264 2.58 10.08 13.90
CA LEU A 264 2.23 10.40 15.28
C LEU A 264 2.32 11.89 15.55
N ALA A 265 3.32 12.57 14.99
CA ALA A 265 3.41 14.02 15.15
C ALA A 265 2.21 14.71 14.52
N ALA A 266 1.80 14.25 13.33
CA ALA A 266 0.63 14.84 12.69
C ALA A 266 -0.62 14.63 13.52
N LEU A 267 -0.78 13.45 14.11
CA LEU A 267 -1.95 13.17 14.94
C LEU A 267 -1.96 14.01 16.21
N ILE A 268 -0.79 14.16 16.84
CA ILE A 268 -0.72 14.88 18.11
C ILE A 268 -0.82 16.40 17.90
N HIS A 269 -0.40 16.89 16.73
CA HIS A 269 -0.37 18.34 16.50
C HIS A 269 -1.75 18.98 16.67
N LYS A 270 -2.82 18.24 16.37
CA LYS A 270 -4.16 18.82 16.45
C LYS A 270 -4.49 19.24 17.88
N ILE A 271 -4.16 18.41 18.86
CA ILE A 271 -4.46 18.69 20.27
C ILE A 271 -3.26 19.43 20.85
N PRO A 272 -3.46 20.60 21.48
CA PRO A 272 -2.37 21.37 22.09
C PRO A 272 -1.81 20.69 23.33
N GLU A 286 10.87 21.05 19.65
CA GLU A 286 10.11 20.88 20.88
C GLU A 286 10.52 19.61 21.61
N VAL A 287 10.33 19.61 22.94
CA VAL A 287 10.62 18.40 23.72
C VAL A 287 9.66 17.28 23.33
N ARG A 288 8.42 17.63 23.00
CA ARG A 288 7.45 16.62 22.58
C ARG A 288 7.92 15.87 21.35
N LEU A 289 8.48 16.60 20.37
CA LEU A 289 9.00 15.94 19.17
C LEU A 289 10.15 15.01 19.51
N ILE A 290 11.04 15.44 20.41
CA ILE A 290 12.18 14.59 20.79
C ILE A 290 11.70 13.32 21.46
N PHE A 291 10.73 13.44 22.38
CA PHE A 291 10.20 12.26 23.04
C PHE A 291 9.51 11.33 22.05
N LEU A 292 8.76 11.90 21.10
CA LEU A 292 8.11 11.07 20.09
C LEU A 292 9.14 10.33 19.24
N SER A 293 10.21 11.02 18.84
CA SER A 293 11.25 10.37 18.05
C SER A 293 11.93 9.27 18.86
N GLY A 294 12.17 9.50 20.14
CA GLY A 294 12.77 8.47 20.98
C GLY A 294 11.88 7.25 21.10
N LEU A 295 10.58 7.46 21.32
CA LEU A 295 9.67 6.32 21.40
C LEU A 295 9.61 5.56 20.08
N CYS A 296 9.58 6.28 18.96
CA CYS A 296 9.53 5.62 17.65
C CYS A 296 10.79 4.81 17.40
N ILE A 297 11.96 5.36 17.73
CA ILE A 297 13.19 4.62 17.50
C ILE A 297 13.29 3.44 18.45
N ALA A 298 12.75 3.56 19.67
CA ALA A 298 12.71 2.40 20.57
C ALA A 298 11.83 1.29 20.01
N VAL A 299 10.67 1.65 19.47
CA VAL A 299 9.80 0.65 18.85
C VAL A 299 10.48 0.00 17.66
N ALA A 300 11.16 0.80 16.83
CA ALA A 300 11.85 0.25 15.67
C ALA A 300 12.97 -0.70 16.09
N VAL A 301 13.74 -0.33 17.11
CA VAL A 301 14.81 -1.19 17.58
C VAL A 301 14.26 -2.49 18.16
N VAL A 302 13.17 -2.40 18.93
CA VAL A 302 12.55 -3.61 19.47
C VAL A 302 12.07 -4.52 18.36
N TRP A 303 11.49 -3.93 17.30
CA TRP A 303 11.09 -4.74 16.16
C TRP A 303 12.28 -5.40 15.49
N ALA A 304 13.39 -4.66 15.36
CA ALA A 304 14.57 -5.22 14.71
C ALA A 304 15.13 -6.40 15.50
N VAL A 305 15.19 -6.29 16.83
CA VAL A 305 15.76 -7.37 17.64
C VAL A 305 14.76 -8.47 17.94
N PHE A 306 13.47 -8.26 17.64
CA PHE A 306 12.48 -9.30 17.92
C PHE A 306 11.71 -9.67 16.67
N ARG A 307 12.41 -9.91 15.57
CA ARG A 307 11.81 -10.31 14.31
C ARG A 307 11.59 -11.81 14.20
N ASN A 308 12.05 -12.59 15.17
CA ASN A 308 11.96 -14.05 15.10
C ASN A 308 10.66 -14.58 15.71
N GLU A 309 10.32 -14.12 16.91
CA GLU A 309 9.15 -14.62 17.62
C GLU A 309 7.89 -14.15 16.89
N ASP A 310 7.25 -15.06 16.17
CA ASP A 310 6.02 -14.74 15.46
C ASP A 310 4.80 -14.73 16.38
N ARG A 311 4.97 -15.08 17.65
CA ARG A 311 3.84 -15.03 18.58
C ARG A 311 3.36 -13.61 18.78
N TRP A 312 4.28 -12.65 18.93
CA TRP A 312 3.89 -11.29 19.26
C TRP A 312 4.67 -10.21 18.52
N ALA A 313 5.46 -10.55 17.51
CA ALA A 313 6.08 -9.52 16.69
C ALA A 313 5.17 -9.04 15.57
N TRP A 314 4.08 -9.77 15.29
CA TRP A 314 3.20 -9.36 14.21
C TRP A 314 2.48 -8.05 14.54
N ILE A 315 2.22 -7.77 15.81
CA ILE A 315 1.62 -6.49 16.18
C ILE A 315 2.55 -5.35 15.82
N LEU A 316 3.82 -5.47 16.20
CA LEU A 316 4.80 -4.44 15.87
C LEU A 316 4.94 -4.26 14.37
N GLN A 317 5.02 -5.38 13.64
CA GLN A 317 5.19 -5.27 12.19
C GLN A 317 3.96 -4.67 11.53
N ASP A 318 2.76 -5.01 12.02
CA ASP A 318 1.55 -4.42 11.47
C ASP A 318 1.49 -2.93 11.72
N ILE A 319 1.84 -2.49 12.93
CA ILE A 319 1.82 -1.06 13.22
C ILE A 319 2.84 -0.32 12.37
N LEU A 320 4.05 -0.87 12.26
CA LEU A 320 5.06 -0.24 11.43
C LEU A 320 4.63 -0.17 9.98
N GLY A 321 4.03 -1.25 9.47
CA GLY A 321 3.58 -1.26 8.09
C GLY A 321 2.45 -0.28 7.84
N ILE A 322 1.50 -0.18 8.77
CA ILE A 322 0.40 0.76 8.61
C ILE A 322 0.93 2.19 8.60
N ALA A 323 1.85 2.51 9.50
CA ALA A 323 2.44 3.85 9.50
C ALA A 323 3.18 4.13 8.21
N PHE A 324 3.97 3.16 7.73
CA PHE A 324 4.73 3.35 6.51
C PHE A 324 3.81 3.57 5.31
N CYS A 325 2.75 2.76 5.21
CA CYS A 325 1.81 2.90 4.10
C CYS A 325 1.08 4.24 4.15
N LEU A 326 0.65 4.65 5.35
CA LEU A 326 -0.04 5.93 5.48
C LEU A 326 0.87 7.08 5.05
N ASN A 327 2.10 7.10 5.54
CA ASN A 327 3.00 8.19 5.18
C ASN A 327 3.32 8.18 3.70
N LEU A 328 3.55 7.01 3.11
CA LEU A 328 3.89 6.96 1.70
C LEU A 328 2.71 7.33 0.81
N ILE A 329 1.49 7.03 1.24
CA ILE A 329 0.32 7.48 0.50
C ILE A 329 0.16 8.99 0.60
N LYS A 330 0.44 9.56 1.77
CA LYS A 330 0.32 11.00 1.92
C LYS A 330 1.37 11.74 1.09
N THR A 331 2.60 11.24 1.04
CA THR A 331 3.68 12.03 0.47
C THR A 331 3.78 11.87 -1.05
N LEU A 332 3.31 10.77 -1.62
CA LEU A 332 3.43 10.53 -3.05
C LEU A 332 2.14 10.99 -3.74
N LYS A 333 2.26 11.96 -4.63
CA LYS A 333 1.13 12.53 -5.34
C LYS A 333 1.23 12.22 -6.82
N LEU A 334 0.13 11.76 -7.41
CA LEU A 334 0.16 11.51 -8.84
C LEU A 334 -0.36 12.72 -9.61
N PRO A 335 0.17 12.98 -10.81
CA PRO A 335 -0.20 14.22 -11.51
C PRO A 335 -1.58 14.18 -12.13
N ASN A 336 -1.97 13.04 -12.72
CA ASN A 336 -3.27 12.93 -13.35
C ASN A 336 -3.58 11.44 -13.53
N PHE A 337 -4.81 11.18 -14.00
CA PHE A 337 -5.29 9.81 -14.11
C PHE A 337 -4.50 8.99 -15.13
N LYS A 338 -3.82 9.64 -16.07
CA LYS A 338 -3.00 8.88 -17.03
C LYS A 338 -1.90 8.12 -16.30
N SER A 339 -1.22 8.77 -15.36
CA SER A 339 -0.21 8.10 -14.57
C SER A 339 -0.82 6.99 -13.72
N CYS A 340 -2.01 7.23 -13.18
CA CYS A 340 -2.69 6.19 -12.39
C CYS A 340 -2.94 4.95 -13.23
N VAL A 341 -3.52 5.11 -14.41
CA VAL A 341 -3.83 3.97 -15.27
C VAL A 341 -2.56 3.26 -15.71
N ILE A 342 -1.55 4.03 -16.12
CA ILE A 342 -0.31 3.40 -16.61
C ILE A 342 0.36 2.61 -15.50
N LEU A 343 0.48 3.21 -14.31
CA LEU A 343 1.11 2.50 -13.20
C LEU A 343 0.33 1.27 -12.81
N LEU A 344 -0.99 1.38 -12.68
CA LEU A 344 -1.78 0.23 -12.28
C LEU A 344 -1.71 -0.89 -13.30
N GLY A 345 -1.78 -0.56 -14.59
CA GLY A 345 -1.71 -1.59 -15.62
C GLY A 345 -0.34 -2.26 -15.68
N LEU A 346 0.73 -1.46 -15.61
CA LEU A 346 2.06 -2.05 -15.63
C LEU A 346 2.30 -2.93 -14.42
N LEU A 347 1.88 -2.47 -13.24
CA LEU A 347 2.04 -3.30 -12.05
C LEU A 347 1.19 -4.56 -12.13
N LEU A 348 -0.01 -4.45 -12.67
CA LEU A 348 -0.86 -5.62 -12.83
C LEU A 348 -0.19 -6.66 -13.71
N LEU A 349 0.27 -6.26 -14.89
CA LEU A 349 0.92 -7.20 -15.79
C LEU A 349 2.19 -7.77 -15.18
N TYR A 350 3.02 -6.92 -14.57
CA TYR A 350 4.25 -7.35 -13.95
C TYR A 350 4.00 -8.37 -12.84
N ASP A 351 3.06 -8.08 -11.95
CA ASP A 351 2.81 -8.96 -10.81
C ASP A 351 2.15 -10.26 -11.24
N VAL A 352 1.19 -10.19 -12.17
CA VAL A 352 0.58 -11.41 -12.68
C VAL A 352 1.64 -12.30 -13.33
N PHE A 353 2.54 -11.70 -14.11
CA PHE A 353 3.62 -12.47 -14.69
C PHE A 353 4.48 -13.11 -13.59
N PHE A 354 4.96 -12.30 -12.65
CA PHE A 354 5.87 -12.78 -11.62
C PHE A 354 5.27 -13.91 -10.80
N VAL A 355 3.95 -13.90 -10.60
CA VAL A 355 3.35 -14.92 -9.74
C VAL A 355 2.85 -16.13 -10.53
N PHE A 356 2.47 -15.97 -11.80
CA PHE A 356 1.84 -17.06 -12.54
C PHE A 356 2.76 -17.70 -13.58
N ILE A 357 3.56 -16.91 -14.31
CA ILE A 357 4.38 -17.47 -15.37
C ILE A 357 5.70 -18.01 -14.85
N THR A 358 6.24 -17.41 -13.78
CA THR A 358 7.48 -17.90 -13.20
C THR A 358 7.48 -19.38 -12.83
N PRO A 359 6.42 -19.95 -12.24
CA PRO A 359 6.47 -21.40 -11.94
C PRO A 359 6.69 -22.26 -13.16
N PHE A 360 6.20 -21.84 -14.33
CA PHE A 360 6.36 -22.65 -15.54
C PHE A 360 7.80 -22.79 -15.99
N ILE A 361 8.71 -21.96 -15.47
CA ILE A 361 10.11 -21.99 -15.90
C ILE A 361 11.02 -22.29 -14.71
N THR A 362 10.97 -21.44 -13.69
CA THR A 362 11.83 -21.62 -12.52
C THR A 362 11.46 -22.89 -11.77
N LYS A 363 12.48 -23.69 -11.43
CA LYS A 363 12.24 -24.97 -10.75
C LYS A 363 11.83 -24.78 -9.29
N ASN A 364 12.08 -23.62 -8.71
CA ASN A 364 11.74 -23.38 -7.32
C ASN A 364 10.23 -23.20 -7.15
N SER A 367 6.86 -20.32 -8.32
CA SER A 367 6.63 -18.90 -8.04
C SER A 367 7.82 -18.30 -7.30
N ILE A 368 8.19 -17.08 -7.68
CA ILE A 368 9.21 -16.36 -6.92
C ILE A 368 8.69 -15.98 -5.55
N MET A 369 7.42 -15.59 -5.47
CA MET A 369 6.83 -15.15 -4.21
C MET A 369 6.70 -16.26 -3.18
N VAL A 370 6.86 -17.53 -3.57
CA VAL A 370 6.83 -18.60 -2.57
C VAL A 370 8.06 -18.54 -1.68
N GLU A 371 9.14 -17.90 -2.13
CA GLU A 371 10.30 -17.68 -1.29
C GLU A 371 10.28 -16.31 -0.63
N LEU A 372 9.72 -15.30 -1.29
CA LEU A 372 9.69 -13.95 -0.78
C LEU A 372 8.73 -13.79 0.41
N ALA A 373 7.93 -14.80 0.72
CA ALA A 373 7.04 -14.73 1.87
C ALA A 373 6.87 -16.10 2.51
N GLU A 381 13.96 -14.82 9.33
CA GLU A 381 14.66 -13.91 8.42
C GLU A 381 13.79 -13.57 7.22
N LYS A 382 12.47 -13.63 7.41
CA LYS A 382 11.53 -13.41 6.34
C LYS A 382 11.56 -11.94 5.89
N LEU A 383 10.93 -11.68 4.75
CA LEU A 383 10.91 -10.33 4.21
C LEU A 383 10.16 -9.40 5.16
N PRO A 384 10.65 -8.18 5.38
CA PRO A 384 10.02 -7.29 6.34
C PRO A 384 8.93 -6.42 5.73
N VAL A 385 8.47 -6.75 4.54
CA VAL A 385 7.50 -5.93 3.83
C VAL A 385 6.08 -6.44 3.99
N VAL A 386 5.89 -7.76 3.93
CA VAL A 386 4.54 -8.33 3.97
C VAL A 386 3.97 -8.21 5.38
N ILE A 387 2.67 -7.91 5.45
CA ILE A 387 1.96 -7.86 6.73
C ILE A 387 1.64 -9.28 7.17
N ARG A 388 1.97 -9.60 8.41
CA ARG A 388 1.78 -10.95 8.95
C ARG A 388 0.71 -10.91 10.03
N VAL A 389 -0.27 -11.81 9.92
CA VAL A 389 -1.31 -11.95 10.93
C VAL A 389 -1.53 -13.44 11.19
N PRO A 390 -1.37 -13.92 12.42
CA PRO A 390 -1.60 -15.33 12.71
C PRO A 390 -3.10 -15.62 12.83
N LYS A 391 -3.41 -16.91 12.92
CA LYS A 391 -4.80 -17.33 13.02
C LYS A 391 -5.42 -16.83 14.32
N LEU A 392 -6.37 -15.91 14.21
CA LEU A 392 -6.97 -15.26 15.37
C LEU A 392 -8.12 -16.08 15.97
N ILE A 393 -7.85 -17.35 16.25
CA ILE A 393 -8.80 -18.20 16.94
C ILE A 393 -8.20 -18.60 18.27
N TYR A 394 -6.87 -18.65 18.33
CA TYR A 394 -6.13 -18.96 19.55
C TYR A 394 -5.05 -17.93 19.89
N PHE A 395 -4.53 -17.20 18.92
CA PHE A 395 -3.49 -16.21 19.18
C PHE A 395 -4.07 -14.81 19.32
N PRO A 404 1.22 -20.79 10.83
CA PRO A 404 0.07 -20.58 9.95
C PRO A 404 -0.46 -19.16 10.01
N VAL A 405 0.06 -18.28 9.15
CA VAL A 405 -0.30 -16.87 9.15
C VAL A 405 -0.74 -16.47 7.75
N SER A 406 -1.50 -15.37 7.70
CA SER A 406 -1.86 -14.75 6.44
C SER A 406 -0.79 -13.74 6.04
N ILE A 407 -0.85 -13.29 4.79
CA ILE A 407 0.14 -12.35 4.26
C ILE A 407 -0.56 -11.42 3.28
N LEU A 408 -0.28 -10.13 3.42
CA LEU A 408 -0.77 -9.12 2.48
C LEU A 408 0.37 -8.17 2.19
N GLY A 409 0.72 -8.03 0.91
CA GLY A 409 1.84 -7.18 0.55
C GLY A 409 1.54 -5.71 0.74
N PHE A 410 2.61 -4.91 0.75
CA PHE A 410 2.44 -3.47 0.85
C PHE A 410 1.92 -2.86 -0.44
N GLY A 411 2.07 -3.56 -1.57
CA GLY A 411 1.57 -3.03 -2.82
C GLY A 411 0.06 -2.92 -2.86
N ASP A 412 -0.63 -3.93 -2.34
CA ASP A 412 -2.09 -3.92 -2.27
C ASP A 412 -2.60 -2.72 -1.49
N ILE A 413 -1.83 -2.28 -0.49
CA ILE A 413 -2.21 -1.12 0.30
C ILE A 413 -1.77 0.18 -0.34
N ILE A 414 -0.66 0.18 -1.07
CA ILE A 414 -0.06 1.42 -1.54
C ILE A 414 -0.65 1.84 -2.89
N VAL A 415 -0.62 0.96 -3.89
CA VAL A 415 -1.01 1.38 -5.25
C VAL A 415 -2.47 1.79 -5.32
N PRO A 416 -3.45 0.98 -4.89
CA PRO A 416 -4.81 1.52 -4.75
C PRO A 416 -4.88 2.67 -3.77
N GLY A 417 -3.99 2.70 -2.78
CA GLY A 417 -3.91 3.86 -1.91
C GLY A 417 -3.54 5.12 -2.66
N LEU A 418 -2.58 5.01 -3.59
CA LEU A 418 -2.23 6.16 -4.42
C LEU A 418 -3.40 6.57 -5.30
N LEU A 419 -4.13 5.60 -5.86
CA LEU A 419 -5.29 5.97 -6.68
C LEU A 419 -6.33 6.70 -5.84
N ILE A 420 -6.60 6.23 -4.62
CA ILE A 420 -7.60 6.89 -3.78
C ILE A 420 -7.12 8.26 -3.34
N ALA A 421 -5.82 8.40 -3.09
CA ALA A 421 -5.27 9.72 -2.76
C ALA A 421 -5.49 10.69 -3.90
N TYR A 422 -5.24 10.24 -5.15
CA TYR A 422 -5.49 11.11 -6.29
C TYR A 422 -6.98 11.42 -6.43
N CYS A 423 -7.84 10.44 -6.18
CA CYS A 423 -9.28 10.70 -6.27
C CYS A 423 -9.71 11.75 -5.25
N ARG A 424 -9.20 11.66 -4.03
CA ARG A 424 -9.55 12.65 -3.01
C ARG A 424 -8.99 14.03 -3.38
N ARG A 425 -7.78 14.07 -3.94
CA ARG A 425 -7.23 15.33 -4.39
C ARG A 425 -8.11 15.96 -5.47
N PHE A 426 -8.58 15.16 -6.41
CA PHE A 426 -9.47 15.67 -7.44
C PHE A 426 -10.79 16.14 -6.85
N ASP A 427 -11.27 15.42 -5.84
CA ASP A 427 -12.49 15.82 -5.17
C ASP A 427 -12.30 17.22 -4.63
N VAL A 428 -11.23 17.42 -3.87
CA VAL A 428 -10.98 18.74 -3.28
C VAL A 428 -10.87 19.80 -4.37
N GLN A 429 -10.19 19.48 -5.47
CA GLN A 429 -9.93 20.48 -6.50
C GLN A 429 -11.22 20.90 -7.20
N THR A 430 -12.02 19.94 -7.65
CA THR A 430 -13.19 20.27 -8.48
C THR A 430 -14.26 20.98 -7.65
N GLY A 431 -14.60 20.42 -6.50
CA GLY A 431 -15.66 20.98 -5.68
C GLY A 431 -16.57 19.91 -5.11
N SER A 432 -16.59 18.74 -5.73
CA SER A 432 -17.38 17.63 -5.23
C SER A 432 -16.90 17.21 -3.85
N SER A 433 -17.83 16.78 -3.01
CA SER A 433 -17.52 16.56 -1.60
C SER A 433 -16.86 15.20 -1.38
N TYR A 434 -17.59 14.11 -1.64
CA TYR A 434 -17.14 12.78 -1.25
C TYR A 434 -17.39 11.71 -2.32
N ILE A 435 -17.68 12.10 -3.56
CA ILE A 435 -18.14 11.13 -4.55
C ILE A 435 -17.01 10.18 -4.93
N TYR A 436 -15.92 10.72 -5.48
CA TYR A 436 -14.85 9.87 -6.00
C TYR A 436 -14.20 9.05 -4.89
N TYR A 437 -13.98 9.66 -3.73
CA TYR A 437 -13.30 8.96 -2.65
C TYR A 437 -14.14 7.79 -2.13
N VAL A 438 -15.42 8.03 -1.87
CA VAL A 438 -16.31 6.97 -1.39
C VAL A 438 -16.43 5.87 -2.43
N SER A 439 -16.58 6.24 -3.71
CA SER A 439 -16.69 5.24 -4.76
C SER A 439 -15.45 4.37 -4.82
N SER A 440 -14.27 5.00 -4.77
CA SER A 440 -13.03 4.24 -4.87
C SER A 440 -12.85 3.32 -3.66
N THR A 441 -13.17 3.80 -2.46
CA THR A 441 -13.05 2.95 -1.28
C THR A 441 -14.01 1.77 -1.34
N VAL A 442 -15.25 2.00 -1.79
CA VAL A 442 -16.21 0.91 -1.89
C VAL A 442 -15.73 -0.14 -2.90
N ALA A 443 -15.24 0.31 -4.05
CA ALA A 443 -14.74 -0.63 -5.05
C ALA A 443 -13.51 -1.37 -4.55
N TYR A 444 -12.63 -0.70 -3.81
CA TYR A 444 -11.46 -1.37 -3.25
C TYR A 444 -11.85 -2.44 -2.24
N ALA A 445 -12.84 -2.14 -1.39
CA ALA A 445 -13.31 -3.15 -0.43
C ALA A 445 -13.94 -4.34 -1.15
N ILE A 446 -14.73 -4.08 -2.19
CA ILE A 446 -15.33 -5.18 -2.96
C ILE A 446 -14.25 -6.00 -3.64
N GLY A 447 -13.20 -5.35 -4.15
CA GLY A 447 -12.09 -6.08 -4.74
C GLY A 447 -11.38 -6.95 -3.73
N MET A 448 -11.17 -6.44 -2.52
CA MET A 448 -10.55 -7.26 -1.48
C MET A 448 -11.41 -8.47 -1.14
N ILE A 449 -12.72 -8.28 -1.03
CA ILE A 449 -13.60 -9.40 -0.72
C ILE A 449 -13.56 -10.43 -1.84
N LEU A 450 -13.59 -9.96 -3.10
CA LEU A 450 -13.54 -10.89 -4.22
C LEU A 450 -12.23 -11.67 -4.25
N THR A 451 -11.12 -10.99 -3.97
CA THR A 451 -9.83 -11.68 -3.92
C THR A 451 -9.82 -12.74 -2.84
N PHE A 452 -10.38 -12.43 -1.66
CA PHE A 452 -10.43 -13.42 -0.60
C PHE A 452 -11.28 -14.62 -1.00
N VAL A 453 -12.43 -14.36 -1.63
CA VAL A 453 -13.30 -15.45 -2.06
C VAL A 453 -12.59 -16.34 -3.08
N VAL A 454 -11.91 -15.73 -4.04
CA VAL A 454 -11.22 -16.50 -5.07
C VAL A 454 -10.06 -17.30 -4.47
N LEU A 455 -9.33 -16.69 -3.53
CA LEU A 455 -8.23 -17.40 -2.88
C LEU A 455 -8.73 -18.62 -2.12
N VAL A 456 -9.81 -18.45 -1.37
CA VAL A 456 -10.33 -19.58 -0.60
C VAL A 456 -10.88 -20.67 -1.52
N LEU A 457 -11.61 -20.28 -2.56
CA LEU A 457 -12.25 -21.25 -3.45
C LEU A 457 -11.31 -21.78 -4.52
N MET A 458 -10.06 -21.29 -4.58
CA MET A 458 -9.08 -21.77 -5.54
C MET A 458 -7.97 -22.58 -4.89
N LYS A 459 -7.81 -22.51 -3.57
CA LYS A 459 -6.83 -23.28 -2.81
C LYS A 459 -5.39 -22.97 -3.21
N LYS A 460 -5.16 -21.82 -3.83
CA LYS A 460 -3.81 -21.39 -4.21
C LYS A 460 -3.67 -19.92 -3.89
N GLY A 461 -2.42 -19.46 -3.84
CA GLY A 461 -2.17 -18.04 -3.69
C GLY A 461 -2.68 -17.26 -4.88
N GLN A 462 -3.09 -16.01 -4.64
CA GLN A 462 -3.68 -15.22 -5.72
C GLN A 462 -3.18 -13.79 -5.78
N PRO A 463 -2.76 -13.33 -6.99
CA PRO A 463 -2.35 -11.93 -7.11
C PRO A 463 -3.55 -11.03 -6.99
N ALA A 464 -3.63 -10.29 -5.90
CA ALA A 464 -4.76 -9.41 -5.67
C ALA A 464 -4.83 -8.26 -6.66
N LEU A 465 -3.67 -7.76 -7.09
CA LEU A 465 -3.71 -6.71 -8.11
C LEU A 465 -4.66 -7.08 -9.24
N LEU A 466 -4.78 -8.37 -9.52
CA LEU A 466 -5.63 -8.82 -10.63
C LEU A 466 -7.11 -8.53 -10.36
N TYR A 467 -7.54 -8.63 -9.10
CA TYR A 467 -8.91 -8.33 -8.73
C TYR A 467 -9.05 -6.97 -8.06
N LEU A 468 -8.00 -6.16 -8.08
CA LEU A 468 -8.04 -4.80 -7.54
C LEU A 468 -7.97 -3.74 -8.62
N VAL A 469 -7.00 -3.85 -9.54
CA VAL A 469 -6.83 -2.83 -10.57
C VAL A 469 -8.07 -2.73 -11.48
N PRO A 470 -8.63 -3.83 -12.01
CA PRO A 470 -9.83 -3.68 -12.84
C PRO A 470 -10.99 -3.03 -12.11
N CYS A 471 -11.25 -3.42 -10.86
CA CYS A 471 -12.39 -2.88 -10.14
C CYS A 471 -12.21 -1.38 -9.89
N THR A 472 -11.06 -0.99 -9.34
CA THR A 472 -10.82 0.42 -9.03
C THR A 472 -10.82 1.27 -10.29
N LEU A 473 -10.14 0.81 -11.34
CA LEU A 473 -10.08 1.58 -12.58
C LEU A 473 -11.47 1.72 -13.20
N ILE A 474 -12.24 0.64 -13.22
CA ILE A 474 -13.57 0.69 -13.82
C ILE A 474 -14.47 1.63 -13.03
N THR A 475 -14.43 1.56 -11.69
CA THR A 475 -15.30 2.43 -10.91
C THR A 475 -14.89 3.90 -11.07
N ALA A 476 -13.58 4.18 -11.12
CA ALA A 476 -13.16 5.56 -11.29
C ALA A 476 -13.54 6.09 -12.66
N SER A 477 -13.35 5.28 -13.70
CA SER A 477 -13.73 5.71 -15.04
C SER A 477 -15.23 5.95 -15.14
N VAL A 478 -16.04 5.05 -14.56
CA VAL A 478 -17.49 5.21 -14.64
C VAL A 478 -17.93 6.45 -13.88
N VAL A 479 -17.41 6.65 -12.67
CA VAL A 479 -17.85 7.80 -11.88
C VAL A 479 -17.37 9.10 -12.51
N ALA A 480 -16.25 9.09 -13.22
CA ALA A 480 -15.82 10.28 -13.93
C ALA A 480 -16.63 10.52 -15.19
N TRP A 481 -17.06 9.45 -15.86
CA TRP A 481 -17.76 9.60 -17.13
C TRP A 481 -19.23 9.94 -16.94
N ARG A 482 -19.82 9.56 -15.81
CA ARG A 482 -21.23 9.86 -15.59
C ARG A 482 -21.47 11.37 -15.53
N ARG A 483 -20.48 12.14 -15.10
CA ARG A 483 -20.59 13.58 -15.02
C ARG A 483 -19.99 14.31 -16.21
N LYS A 484 -19.49 13.57 -17.20
CA LYS A 484 -18.81 14.15 -18.37
C LYS A 484 -17.64 15.03 -17.93
N GLU A 485 -16.67 14.37 -17.29
CA GLU A 485 -15.47 15.05 -16.80
C GLU A 485 -14.23 14.21 -17.04
N MET A 486 -14.27 13.30 -18.02
CA MET A 486 -13.14 12.41 -18.24
C MET A 486 -11.91 13.16 -18.72
N LYS A 487 -12.08 14.13 -19.62
CA LYS A 487 -10.93 14.84 -20.16
C LYS A 487 -10.20 15.63 -19.09
N LYS A 488 -10.94 16.36 -18.26
CA LYS A 488 -10.32 17.11 -17.17
C LYS A 488 -9.69 16.18 -16.14
N PHE A 489 -10.39 15.10 -15.79
CA PHE A 489 -9.88 14.13 -14.82
C PHE A 489 -8.66 13.40 -15.35
N TRP A 490 -8.45 13.39 -16.66
CA TRP A 490 -7.33 12.69 -17.29
C TRP A 490 -6.14 13.60 -17.53
N LYS A 491 -6.38 14.86 -17.92
CA LYS A 491 -5.28 15.77 -18.19
C LYS A 491 -4.56 16.18 -16.91
N GLY A 492 -5.31 16.49 -15.86
CA GLY A 492 -4.73 16.98 -14.62
C GLY A 492 -4.69 18.49 -14.58
N ASN A 493 -5.32 19.08 -13.56
CA ASN A 493 -5.36 20.53 -13.46
C ASN A 493 -3.96 21.09 -13.20
N SER A 494 -3.66 22.23 -13.84
CA SER A 494 -2.37 22.89 -13.71
C SER A 494 -1.21 21.96 -14.01
#